data_8P2T
#
_entry.id   8P2T
#
_cell.length_a   65.030
_cell.length_b   70.860
_cell.length_c   96.010
_cell.angle_alpha   90.00
_cell.angle_beta   90.00
_cell.angle_gamma   90.00
#
_symmetry.space_group_name_H-M   'P 21 21 21'
#
loop_
_entity.id
_entity.type
_entity.pdbx_description
1 polymer 'Antibody D08* heavy chain'
2 polymer 'Antibody D08* light chain'
3 non-polymer 'SODIUM ION'
4 non-polymer (4R)-2-METHYLPENTANE-2,4-DIOL
5 water water
#
loop_
_entity_poly.entity_id
_entity_poly.type
_entity_poly.pdbx_seq_one_letter_code
_entity_poly.pdbx_strand_id
1 'polypeptide(L)'
;MGILPSPGMPALLSLVSLLSVLLMGCVAQVQLRESGPSLVKPSQTLSLTCTASGSSLSDEAVGWVRQAPGKSLEWLGSID
TGGNTGYNPNLKTRLSITKDNSKSQVSLSMSSVTPEDSATYFCATVHQETHQTCPDGYNSGDDCGRGNWDCGTLDCWRCD
WGGFCRASTDYRSVTATYTYEWYIDTWGQGLLVTVSSASTTAPKVYPLSSCCGDKSSSTVTLGCLVSSYMPEPVTVTWNS
GALKSGVHTFPAVLQSSGLYSLSSMVTVPGSTSGTQTFTCNVAHPASSTKVDKAVDPRCGKHHHHHH
;
H
2 'polypeptide(L)'
;MGILPSPGMPALLSLVSLLSVLLMGCVAQPSSVSGSLGQRVSITCSGSSSNVGNGYVSWYQLIPGSAPRTLIYGDTSRAS
GVPDRFSGSRSGNTATLTISSLQAEDEADYFCASAEDSSSNAVFGSGTTLTVLGQPKSPPSVTLFPPSTEELNGNKATLV
CLISDFYPGSVTVVWKADGSTITRNVETTRASKQSNSKYAASSYLSLTSSDWKSKGSYSCEVTHEGSTVTKTVKPSECS
;
L
#
# COMPACT_ATOMS: atom_id res chain seq x y z
N VAL A 30 -5.24 17.27 -7.02
CA VAL A 30 -6.17 16.28 -7.62
C VAL A 30 -6.34 15.16 -6.62
N GLN A 31 -7.55 14.60 -6.53
CA GLN A 31 -7.80 13.38 -5.79
C GLN A 31 -8.31 12.37 -6.83
N LEU A 32 -7.78 11.13 -6.75
CA LEU A 32 -8.17 10.04 -7.61
C LEU A 32 -8.75 8.93 -6.76
N ARG A 33 -9.89 8.41 -7.24
CA ARG A 33 -10.64 7.34 -6.59
C ARG A 33 -10.92 6.26 -7.61
N GLU A 34 -10.43 5.06 -7.30
CA GLU A 34 -10.66 3.89 -8.13
C GLU A 34 -11.95 3.24 -7.65
N SER A 35 -12.77 2.80 -8.62
CA SER A 35 -13.94 2.00 -8.30
C SER A 35 -14.06 0.80 -9.25
N GLY A 36 -14.67 -0.26 -8.72
CA GLY A 36 -14.76 -1.49 -9.47
C GLY A 36 -15.02 -2.70 -8.57
N PRO A 37 -15.03 -3.93 -9.16
CA PRO A 37 -15.27 -5.16 -8.40
C PRO A 37 -14.05 -5.56 -7.59
N SER A 38 -14.30 -6.14 -6.41
CA SER A 38 -13.27 -6.73 -5.55
C SER A 38 -12.91 -8.14 -6.01
N LEU A 39 -13.85 -8.79 -6.70
CA LEU A 39 -13.67 -10.18 -7.14
C LEU A 39 -14.20 -10.32 -8.57
N VAL A 40 -13.34 -10.93 -9.41
CA VAL A 40 -13.63 -11.16 -10.82
C VAL A 40 -13.40 -12.62 -11.11
N LYS A 41 -14.34 -13.21 -11.85
CA LYS A 41 -14.27 -14.59 -12.32
C LYS A 41 -13.16 -14.69 -13.35
N PRO A 42 -12.27 -15.70 -13.22
CA PRO A 42 -11.29 -16.00 -14.25
C PRO A 42 -11.90 -16.14 -15.65
N SER A 43 -11.16 -15.58 -16.59
CA SER A 43 -11.45 -15.56 -17.99
C SER A 43 -12.38 -14.40 -18.37
N GLN A 44 -12.92 -13.68 -17.37
CA GLN A 44 -13.79 -12.56 -17.69
C GLN A 44 -13.00 -11.25 -17.82
N THR A 45 -13.71 -10.20 -18.16
CA THR A 45 -13.16 -8.87 -18.29
C THR A 45 -13.18 -8.11 -16.97
N LEU A 46 -11.98 -7.62 -16.57
CA LEU A 46 -11.88 -6.73 -15.41
C LEU A 46 -12.09 -5.31 -15.89
N SER A 47 -13.02 -4.57 -15.26
CA SER A 47 -13.26 -3.17 -15.61
C SER A 47 -13.23 -2.31 -14.38
N LEU A 48 -12.38 -1.24 -14.42
CA LEU A 48 -12.24 -0.31 -13.31
C LEU A 48 -12.52 1.10 -13.84
N THR A 49 -12.89 1.97 -12.91
CA THR A 49 -13.08 3.38 -13.21
C THR A 49 -12.27 4.21 -12.22
N CYS A 50 -11.66 5.28 -12.74
CA CYS A 50 -11.00 6.29 -11.95
C CYS A 50 -11.75 7.61 -12.06
N THR A 51 -12.12 8.19 -10.92
CA THR A 51 -12.79 9.48 -10.88
C THR A 51 -11.84 10.50 -10.26
N ALA A 52 -11.59 11.58 -11.01
CA ALA A 52 -10.72 12.66 -10.61
C ALA A 52 -11.57 13.78 -10.02
N SER A 53 -11.15 14.29 -8.87
CA SER A 53 -11.81 15.42 -8.22
C SER A 53 -10.75 16.36 -7.67
N GLY A 54 -11.18 17.52 -7.20
CA GLY A 54 -10.23 18.48 -6.69
C GLY A 54 -10.35 19.81 -7.41
N SER A 55 -9.50 20.77 -7.04
CA SER A 55 -9.78 22.17 -7.30
C SER A 55 -9.34 22.61 -8.70
N SER A 56 -8.41 21.85 -9.35
CA SER A 56 -8.03 22.12 -10.74
C SER A 56 -7.37 20.90 -11.42
N LEU A 57 -7.23 20.97 -12.75
CA LEU A 57 -6.52 19.97 -13.54
C LEU A 57 -5.67 20.65 -14.60
N SER A 58 -4.55 19.97 -14.96
CA SER A 58 -3.64 20.44 -15.99
C SER A 58 -3.61 19.41 -17.11
N ASP A 59 -2.46 19.32 -17.75
CA ASP A 59 -2.18 18.56 -18.96
C ASP A 59 -1.75 17.13 -18.65
N GLU A 60 -1.88 16.68 -17.39
CA GLU A 60 -1.38 15.36 -17.06
C GLU A 60 -2.24 14.31 -17.79
N ALA A 61 -1.57 13.28 -18.26
CA ALA A 61 -2.26 12.03 -18.57
C ALA A 61 -2.81 11.38 -17.32
N VAL A 62 -3.75 10.45 -17.52
CA VAL A 62 -4.19 9.56 -16.46
C VAL A 62 -3.92 8.12 -16.83
N GLY A 63 -3.29 7.41 -15.87
CA GLY A 63 -2.83 6.06 -16.10
C GLY A 63 -3.13 5.13 -14.95
N TRP A 64 -2.70 3.88 -15.17
CA TRP A 64 -2.98 2.78 -14.27
C TRP A 64 -1.68 2.02 -14.05
N VAL A 65 -1.49 1.66 -12.77
CA VAL A 65 -0.39 0.86 -12.31
C VAL A 65 -0.98 -0.23 -11.44
N ARG A 66 -0.37 -1.40 -11.36
CA ARG A 66 -0.82 -2.38 -10.38
C ARG A 66 0.35 -2.94 -9.61
N GLN A 67 0.01 -3.54 -8.48
CA GLN A 67 1.02 -4.26 -7.67
C GLN A 67 0.37 -5.52 -7.11
N ALA A 68 0.93 -6.67 -7.53
CA ALA A 68 0.58 -7.96 -7.01
C ALA A 68 1.22 -8.11 -5.63
N PRO A 69 0.60 -8.91 -4.73
CA PRO A 69 1.13 -9.10 -3.40
C PRO A 69 2.57 -9.61 -3.47
N GLY A 70 3.48 -8.90 -2.79
CA GLY A 70 4.86 -9.36 -2.72
C GLY A 70 5.71 -8.97 -3.94
N LYS A 71 5.11 -8.31 -4.94
CA LYS A 71 5.78 -8.08 -6.20
C LYS A 71 6.00 -6.61 -6.46
N SER A 72 6.68 -6.28 -7.54
CA SER A 72 6.99 -4.91 -7.87
C SER A 72 5.80 -4.26 -8.56
N LEU A 73 5.86 -2.95 -8.68
CA LEU A 73 4.89 -2.15 -9.46
C LEU A 73 5.01 -2.47 -10.95
N GLU A 74 3.82 -2.52 -11.57
CA GLU A 74 3.73 -2.81 -12.99
C GLU A 74 2.90 -1.77 -13.72
N TRP A 75 3.47 -1.12 -14.73
CA TRP A 75 2.73 -0.15 -15.56
C TRP A 75 1.67 -0.86 -16.40
N LEU A 76 0.48 -0.26 -16.48
CA LEU A 76 -0.53 -0.80 -17.40
C LEU A 76 -0.65 0.08 -18.62
N GLY A 77 -0.98 1.37 -18.42
CA GLY A 77 -1.07 2.26 -19.55
C GLY A 77 -1.66 3.60 -19.15
N SER A 78 -1.86 4.47 -20.15
CA SER A 78 -2.41 5.79 -19.89
C SER A 78 -3.16 6.31 -21.11
N ILE A 79 -3.93 7.37 -20.84
CA ILE A 79 -4.52 8.19 -21.88
C ILE A 79 -4.23 9.67 -21.59
N ASP A 80 -3.85 10.42 -22.61
CA ASP A 80 -3.46 11.80 -22.44
C ASP A 80 -4.59 12.72 -22.91
N THR A 81 -4.37 14.03 -22.79
CA THR A 81 -5.42 14.99 -23.08
C THR A 81 -5.71 15.08 -24.57
N GLY A 82 -4.83 14.60 -25.47
CA GLY A 82 -5.13 14.50 -26.89
C GLY A 82 -5.81 13.18 -27.29
N GLY A 83 -6.06 12.29 -26.32
CA GLY A 83 -6.65 10.98 -26.59
C GLY A 83 -5.65 9.89 -26.98
N ASN A 84 -4.34 10.17 -26.95
CA ASN A 84 -3.35 9.11 -27.20
C ASN A 84 -3.26 8.17 -26.02
N THR A 85 -3.42 6.91 -26.33
CA THR A 85 -3.21 5.81 -25.40
C THR A 85 -1.85 5.17 -25.62
N GLY A 86 -1.29 4.77 -24.49
CA GLY A 86 -0.07 4.00 -24.46
C GLY A 86 -0.25 2.85 -23.49
N TYR A 87 0.25 1.66 -23.84
CA TYR A 87 0.10 0.48 -23.01
C TYR A 87 1.46 -0.20 -22.85
N ASN A 88 1.63 -0.81 -21.68
CA ASN A 88 2.64 -1.79 -21.47
C ASN A 88 2.54 -2.79 -22.61
N PRO A 89 3.59 -2.97 -23.44
CA PRO A 89 3.52 -3.88 -24.59
C PRO A 89 3.22 -5.33 -24.20
N ASN A 90 3.51 -5.71 -22.96
CA ASN A 90 3.21 -7.06 -22.48
C ASN A 90 1.72 -7.29 -22.28
N LEU A 91 0.93 -6.21 -22.20
CA LEU A 91 -0.48 -6.34 -21.86
C LEU A 91 -1.36 -5.68 -22.92
N LYS A 92 -0.75 -5.03 -23.92
CA LYS A 92 -1.46 -4.22 -24.91
C LYS A 92 -2.66 -4.96 -25.49
N THR A 93 -2.50 -6.25 -25.80
CA THR A 93 -3.54 -7.00 -26.48
C THR A 93 -4.74 -7.27 -25.59
N ARG A 94 -4.61 -7.11 -24.27
CA ARG A 94 -5.73 -7.30 -23.36
C ARG A 94 -6.28 -5.99 -22.76
N LEU A 95 -5.73 -4.83 -23.11
CA LEU A 95 -6.08 -3.60 -22.40
C LEU A 95 -6.82 -2.62 -23.29
N SER A 96 -7.73 -1.90 -22.65
CA SER A 96 -8.38 -0.76 -23.27
C SER A 96 -8.54 0.31 -22.19
N ILE A 97 -8.03 1.51 -22.46
CA ILE A 97 -8.15 2.65 -21.59
C ILE A 97 -8.89 3.73 -22.37
N THR A 98 -9.98 4.22 -21.77
CA THR A 98 -10.81 5.27 -22.35
C THR A 98 -11.07 6.34 -21.29
N LYS A 99 -11.61 7.49 -21.72
CA LYS A 99 -11.99 8.51 -20.77
C LYS A 99 -13.30 9.14 -21.17
N ASP A 100 -13.90 9.82 -20.17
CA ASP A 100 -15.10 10.62 -20.34
C ASP A 100 -14.91 11.91 -19.56
N ASN A 101 -14.49 12.93 -20.31
CA ASN A 101 -14.12 14.22 -19.71
C ASN A 101 -15.30 14.78 -18.92
N SER A 102 -16.51 14.61 -19.46
CA SER A 102 -17.70 15.17 -18.84
C SER A 102 -17.97 14.59 -17.45
N LYS A 103 -17.50 13.36 -17.17
CA LYS A 103 -17.70 12.76 -15.87
C LYS A 103 -16.41 12.74 -15.04
N SER A 104 -15.35 13.35 -15.58
N SER A 104 -15.37 13.43 -15.52
CA SER A 104 -14.04 13.37 -14.96
CA SER A 104 -14.02 13.39 -14.97
C SER A 104 -13.55 11.95 -14.69
C SER A 104 -13.57 11.95 -14.67
N GLN A 105 -13.76 11.05 -15.66
CA GLN A 105 -13.52 9.63 -15.46
C GLN A 105 -12.63 9.06 -16.56
N VAL A 106 -11.73 8.16 -16.12
CA VAL A 106 -10.91 7.37 -17.02
C VAL A 106 -11.17 5.92 -16.64
N SER A 107 -11.30 5.06 -17.65
CA SER A 107 -11.59 3.67 -17.44
C SER A 107 -10.50 2.74 -17.96
N LEU A 108 -10.41 1.57 -17.33
N LEU A 108 -10.45 1.57 -17.31
CA LEU A 108 -9.54 0.49 -17.81
CA LEU A 108 -9.59 0.46 -17.69
C LEU A 108 -10.35 -0.79 -17.87
C LEU A 108 -10.45 -0.78 -17.88
N SER A 109 -10.23 -1.50 -19.00
CA SER A 109 -10.72 -2.88 -19.12
C SER A 109 -9.54 -3.77 -19.48
N MET A 110 -9.49 -4.93 -18.84
CA MET A 110 -8.48 -5.94 -19.13
C MET A 110 -9.20 -7.25 -19.38
N SER A 111 -8.99 -7.82 -20.56
CA SER A 111 -9.66 -9.07 -20.97
C SER A 111 -8.98 -10.32 -20.40
N SER A 112 -9.79 -11.37 -20.32
CA SER A 112 -9.32 -12.73 -20.09
C SER A 112 -8.45 -12.79 -18.84
N VAL A 113 -8.95 -12.30 -17.71
CA VAL A 113 -8.09 -12.29 -16.52
C VAL A 113 -7.85 -13.68 -15.95
N THR A 114 -6.71 -13.82 -15.29
CA THR A 114 -6.32 -15.04 -14.58
C THR A 114 -5.91 -14.63 -13.17
N PRO A 115 -5.71 -15.58 -12.23
CA PRO A 115 -5.19 -15.25 -10.90
C PRO A 115 -3.92 -14.39 -10.87
N GLU A 116 -3.11 -14.41 -11.94
CA GLU A 116 -1.88 -13.63 -12.04
C GLU A 116 -2.24 -12.14 -12.14
N ASP A 117 -3.51 -11.81 -12.41
CA ASP A 117 -3.94 -10.43 -12.50
C ASP A 117 -4.50 -9.95 -11.16
N SER A 118 -4.61 -10.81 -10.13
CA SER A 118 -4.91 -10.33 -8.78
C SER A 118 -3.87 -9.29 -8.34
N ALA A 119 -4.34 -8.13 -7.85
CA ALA A 119 -3.37 -7.07 -7.54
C ALA A 119 -4.15 -5.93 -6.90
N THR A 120 -3.40 -4.96 -6.34
CA THR A 120 -3.92 -3.64 -6.10
C THR A 120 -3.75 -2.83 -7.37
N TYR A 121 -4.83 -2.18 -7.83
CA TYR A 121 -4.83 -1.36 -9.05
C TYR A 121 -4.95 0.11 -8.62
N PHE A 122 -4.00 0.92 -9.08
CA PHE A 122 -3.97 2.35 -8.81
C PHE A 122 -4.18 3.14 -10.08
N CYS A 123 -5.05 4.15 -10.05
N CYS A 123 -5.03 4.16 -9.94
CA CYS A 123 -4.94 5.15 -11.09
CA CYS A 123 -5.15 5.26 -10.85
C CYS A 123 -4.12 6.31 -10.56
C CYS A 123 -4.09 6.32 -10.52
N ALA A 124 -3.67 7.13 -11.49
CA ALA A 124 -2.64 8.11 -11.24
C ALA A 124 -2.64 9.16 -12.33
N THR A 125 -2.25 10.38 -11.95
CA THR A 125 -1.90 11.40 -12.92
C THR A 125 -0.45 11.15 -13.30
N VAL A 126 -0.16 11.33 -14.56
CA VAL A 126 1.10 10.96 -15.17
C VAL A 126 1.57 12.16 -15.99
N HIS A 127 2.79 12.61 -15.70
CA HIS A 127 3.45 13.57 -16.55
C HIS A 127 4.08 12.84 -17.72
N GLN A 128 3.72 13.24 -18.95
CA GLN A 128 4.23 12.66 -20.16
C GLN A 128 4.59 13.82 -21.07
N GLU A 129 5.87 13.97 -21.41
CA GLU A 129 6.32 15.20 -22.06
C GLU A 129 7.53 14.92 -22.92
N THR A 130 7.43 15.30 -24.19
CA THR A 130 8.60 15.37 -25.05
C THR A 130 9.26 16.72 -24.84
N HIS A 131 10.53 16.69 -24.36
CA HIS A 131 11.31 17.89 -24.10
C HIS A 131 12.19 18.17 -25.31
N GLN A 132 12.41 19.44 -25.60
CA GLN A 132 13.44 19.88 -26.52
C GLN A 132 14.65 20.22 -25.66
N THR A 133 15.71 19.44 -25.90
CA THR A 133 16.96 19.53 -25.15
C THR A 133 18.06 20.07 -26.07
N CYS A 134 18.85 21.01 -25.53
CA CYS A 134 20.06 21.47 -26.19
C CYS A 134 21.28 20.78 -25.57
N PRO A 135 22.35 20.58 -26.36
CA PRO A 135 23.61 20.08 -25.80
C PRO A 135 24.24 21.04 -24.81
N ASP A 136 25.12 20.47 -23.99
CA ASP A 136 26.02 21.20 -23.10
C ASP A 136 26.62 22.41 -23.83
N GLY A 137 26.59 23.56 -23.16
CA GLY A 137 27.20 24.77 -23.67
C GLY A 137 26.31 25.61 -24.58
N TYR A 138 25.15 25.08 -24.98
CA TYR A 138 24.29 25.83 -25.89
C TYR A 138 23.17 26.58 -25.15
N ASN A 139 22.87 27.77 -25.65
CA ASN A 139 21.78 28.64 -25.21
C ASN A 139 20.50 28.40 -26.02
N SER A 140 19.34 28.71 -25.43
CA SER A 140 18.08 28.57 -26.15
C SER A 140 17.20 29.82 -26.12
N GLY A 141 17.55 30.82 -25.31
CA GLY A 141 16.66 31.98 -25.18
C GLY A 141 16.79 32.91 -26.39
N ASP A 142 16.15 34.09 -26.31
CA ASP A 142 16.31 35.11 -27.33
C ASP A 142 17.17 36.27 -26.82
N ASP A 143 17.92 36.07 -25.72
CA ASP A 143 18.94 37.02 -25.34
C ASP A 143 20.24 36.57 -26.01
N CYS A 144 20.62 37.20 -27.11
CA CYS A 144 21.66 36.69 -27.99
C CYS A 144 23.06 37.05 -27.49
N GLY A 145 23.11 38.01 -26.52
CA GLY A 145 24.37 38.51 -26.00
C GLY A 145 24.67 39.91 -26.54
N ARG A 146 25.66 40.60 -25.94
CA ARG A 146 25.89 42.02 -26.20
C ARG A 146 26.24 42.23 -27.67
N GLY A 147 25.50 43.11 -28.34
CA GLY A 147 25.77 43.51 -29.73
C GLY A 147 25.32 42.47 -30.75
N ASN A 148 24.55 41.44 -30.33
CA ASN A 148 24.21 40.33 -31.22
C ASN A 148 22.72 40.37 -31.53
N TRP A 149 22.34 39.83 -32.69
CA TRP A 149 20.93 39.61 -32.99
C TRP A 149 20.73 38.38 -33.88
N ASP A 150 19.46 38.00 -34.16
CA ASP A 150 19.13 36.93 -35.09
C ASP A 150 19.39 35.54 -34.52
N CYS A 151 19.47 35.37 -33.17
CA CYS A 151 19.60 34.05 -32.55
C CYS A 151 18.24 33.39 -32.32
N GLY A 152 17.14 34.19 -32.38
CA GLY A 152 15.82 33.75 -31.94
C GLY A 152 15.24 32.54 -32.69
N THR A 153 15.56 32.36 -33.99
CA THR A 153 14.96 31.26 -34.77
C THR A 153 15.77 29.97 -34.70
N LEU A 154 16.88 30.00 -33.97
CA LEU A 154 17.69 28.81 -33.75
C LEU A 154 17.18 28.05 -32.51
N ASP A 155 17.10 26.71 -32.54
CA ASP A 155 16.71 25.97 -31.33
C ASP A 155 17.73 26.16 -30.19
N CYS A 156 18.98 25.94 -30.54
CA CYS A 156 20.13 25.84 -29.66
C CYS A 156 21.30 26.54 -30.33
N TRP A 157 21.92 27.51 -29.63
CA TRP A 157 22.91 28.34 -30.29
C TRP A 157 24.00 28.77 -29.31
N ARG A 158 25.15 29.13 -29.91
CA ARG A 158 26.27 29.78 -29.23
C ARG A 158 26.81 30.83 -30.19
N CYS A 159 27.26 31.96 -29.64
CA CYS A 159 28.03 32.91 -30.42
C CYS A 159 29.49 32.75 -30.04
N ASP A 160 30.20 31.83 -30.70
CA ASP A 160 31.49 31.38 -30.20
C ASP A 160 32.60 31.52 -31.24
N TRP A 161 32.33 32.16 -32.41
CA TRP A 161 33.34 32.22 -33.45
C TRP A 161 34.43 33.22 -33.09
N GLY A 162 34.09 34.24 -32.29
CA GLY A 162 35.06 35.25 -31.92
C GLY A 162 34.51 36.66 -31.79
N GLY A 163 33.66 37.03 -32.74
CA GLY A 163 33.12 38.37 -32.77
C GLY A 163 31.61 38.37 -32.58
N PHE A 164 30.96 39.44 -33.05
CA PHE A 164 29.51 39.52 -32.93
C PHE A 164 28.85 38.52 -33.88
N CYS A 165 27.66 38.07 -33.45
CA CYS A 165 26.78 37.26 -34.29
C CYS A 165 25.56 38.09 -34.64
N ARG A 166 25.34 38.37 -35.94
CA ARG A 166 24.37 39.34 -36.39
C ARG A 166 23.53 38.78 -37.55
N ALA A 167 23.59 37.46 -37.67
CA ALA A 167 22.87 36.66 -38.65
C ALA A 167 22.78 35.26 -38.05
N SER A 168 21.76 34.50 -38.46
CA SER A 168 21.60 33.16 -37.93
C SER A 168 22.82 32.29 -38.27
N THR A 169 23.44 32.52 -39.43
CA THR A 169 24.58 31.77 -39.90
C THR A 169 25.89 32.17 -39.20
N ASP A 170 25.86 33.12 -38.26
CA ASP A 170 27.06 33.50 -37.48
C ASP A 170 27.21 32.67 -36.20
N TYR A 171 26.12 32.03 -35.77
CA TYR A 171 26.05 31.21 -34.57
C TYR A 171 26.43 29.75 -34.85
N ARG A 172 27.01 29.10 -33.85
CA ARG A 172 27.00 27.66 -33.82
C ARG A 172 25.59 27.26 -33.43
N SER A 173 25.01 26.32 -34.16
CA SER A 173 23.62 25.97 -33.93
C SER A 173 23.38 24.48 -34.22
N VAL A 174 22.35 23.94 -33.54
CA VAL A 174 21.91 22.60 -33.78
C VAL A 174 20.42 22.58 -33.44
N THR A 175 19.72 21.73 -34.17
CA THR A 175 18.35 21.41 -33.82
CA THR A 175 18.34 21.41 -33.82
C THR A 175 18.30 20.73 -32.46
N ALA A 176 17.28 21.09 -31.64
CA ALA A 176 17.10 20.48 -30.34
C ALA A 176 16.89 18.97 -30.50
N THR A 177 17.39 18.18 -29.55
CA THR A 177 17.06 16.77 -29.45
C THR A 177 15.82 16.57 -28.61
N TYR A 178 14.93 15.68 -29.07
CA TYR A 178 13.75 15.32 -28.30
C TYR A 178 14.12 14.27 -27.26
N THR A 179 13.72 14.52 -26.00
CA THR A 179 13.93 13.57 -24.92
C THR A 179 12.62 13.43 -24.18
N TYR A 180 12.23 12.18 -23.88
CA TYR A 180 10.88 11.86 -23.40
C TYR A 180 10.90 11.57 -21.89
N GLU A 181 10.06 12.31 -21.17
CA GLU A 181 9.87 12.17 -19.74
C GLU A 181 8.50 11.57 -19.39
N TRP A 182 8.53 10.57 -18.50
CA TRP A 182 7.38 9.97 -17.85
C TRP A 182 7.66 9.99 -16.35
N TYR A 183 6.66 10.34 -15.56
CA TYR A 183 6.65 10.02 -14.14
C TYR A 183 5.22 10.10 -13.64
N ILE A 184 4.99 9.44 -12.53
CA ILE A 184 3.71 9.54 -11.85
C ILE A 184 3.68 10.68 -10.86
N ASP A 185 2.68 11.56 -11.02
CA ASP A 185 2.57 12.74 -10.17
C ASP A 185 1.80 12.46 -8.88
N THR A 186 0.51 12.11 -9.02
CA THR A 186 -0.37 11.86 -7.89
C THR A 186 -0.96 10.47 -8.06
N TRP A 187 -1.05 9.74 -6.98
CA TRP A 187 -1.55 8.38 -6.96
C TRP A 187 -2.87 8.30 -6.23
N GLY A 188 -3.77 7.44 -6.70
CA GLY A 188 -4.86 7.00 -5.85
C GLY A 188 -4.40 6.09 -4.72
N GLN A 189 -5.38 5.71 -3.91
CA GLN A 189 -5.23 4.82 -2.76
C GLN A 189 -5.13 3.38 -3.25
N GLY A 190 -5.70 3.05 -4.40
CA GLY A 190 -5.64 1.66 -4.90
C GLY A 190 -6.88 0.86 -4.51
N LEU A 191 -7.30 0.02 -5.45
CA LEU A 191 -8.44 -0.88 -5.26
C LEU A 191 -7.91 -2.32 -5.36
N LEU A 192 -8.22 -3.15 -4.37
CA LEU A 192 -7.83 -4.55 -4.40
C LEU A 192 -8.76 -5.31 -5.33
N VAL A 193 -8.17 -6.09 -6.24
CA VAL A 193 -8.90 -6.93 -7.18
C VAL A 193 -8.33 -8.33 -7.05
N THR A 194 -9.21 -9.27 -6.70
CA THR A 194 -8.88 -10.68 -6.62
C THR A 194 -9.57 -11.42 -7.81
N VAL A 195 -8.80 -12.17 -8.59
CA VAL A 195 -9.25 -13.05 -9.65
C VAL A 195 -9.21 -14.47 -9.13
N SER A 196 -10.41 -14.99 -8.91
CA SER A 196 -10.61 -16.29 -8.26
C SER A 196 -11.94 -16.90 -8.69
N SER A 197 -11.97 -18.23 -8.76
CA SER A 197 -13.19 -18.97 -9.00
C SER A 197 -13.98 -19.26 -7.72
N ALA A 198 -13.50 -18.84 -6.55
CA ALA A 198 -14.28 -19.07 -5.34
C ALA A 198 -15.44 -18.08 -5.27
N SER A 199 -16.49 -18.42 -4.52
CA SER A 199 -17.67 -17.58 -4.36
C SER A 199 -17.50 -16.44 -3.35
N THR A 200 -18.04 -15.26 -3.68
CA THR A 200 -18.33 -14.17 -2.73
C THR A 200 -19.05 -14.72 -1.49
N THR A 201 -18.51 -14.44 -0.29
CA THR A 201 -19.05 -14.93 0.96
C THR A 201 -19.06 -13.81 2.00
N ALA A 202 -20.25 -13.44 2.47
CA ALA A 202 -20.35 -12.37 3.43
C ALA A 202 -19.78 -12.85 4.77
N PRO A 203 -19.21 -11.94 5.57
CA PRO A 203 -18.73 -12.36 6.88
C PRO A 203 -19.83 -12.60 7.90
N LYS A 204 -19.51 -13.49 8.86
CA LYS A 204 -20.22 -13.59 10.13
C LYS A 204 -19.49 -12.67 11.13
N VAL A 205 -20.23 -11.75 11.75
CA VAL A 205 -19.63 -10.79 12.66
C VAL A 205 -20.03 -11.13 14.09
N TYR A 206 -19.02 -11.34 14.95
CA TYR A 206 -19.27 -11.67 16.34
C TYR A 206 -18.66 -10.61 17.24
N PRO A 207 -19.37 -10.26 18.34
CA PRO A 207 -18.87 -9.28 19.31
C PRO A 207 -17.85 -9.90 20.24
N LEU A 208 -16.80 -9.13 20.51
CA LEU A 208 -15.71 -9.54 21.40
C LEU A 208 -15.65 -8.63 22.61
N SER A 209 -15.35 -9.25 23.74
CA SER A 209 -15.09 -8.44 24.94
C SER A 209 -14.15 -9.21 25.83
N SER A 210 -13.15 -8.49 26.35
CA SER A 210 -12.09 -9.08 27.19
C SER A 210 -12.38 -8.94 28.67
N CYS A 211 -13.45 -8.27 29.02
CA CYS A 211 -13.63 -7.87 30.41
CA CYS A 211 -13.71 -7.88 30.39
C CYS A 211 -13.79 -9.09 31.31
N CYS A 212 -14.44 -10.16 30.84
CA CYS A 212 -14.60 -11.38 31.66
C CYS A 212 -13.23 -12.00 31.96
N GLY A 213 -12.19 -11.60 31.21
CA GLY A 213 -10.82 -12.02 31.48
C GLY A 213 -9.92 -11.04 32.22
N ASP A 214 -9.89 -9.72 31.91
CA ASP A 214 -8.84 -8.83 32.44
C ASP A 214 -9.32 -8.05 33.67
N LYS A 215 -10.62 -8.12 33.96
CA LYS A 215 -11.15 -7.58 35.23
C LYS A 215 -10.90 -6.08 35.39
N SER A 216 -10.35 -5.43 34.35
CA SER A 216 -10.03 -4.01 34.40
C SER A 216 -11.33 -3.24 34.36
N SER A 217 -11.53 -2.25 35.24
CA SER A 217 -12.73 -1.45 35.13
C SER A 217 -12.43 0.01 34.78
N SER A 218 -11.15 0.38 34.69
CA SER A 218 -10.79 1.73 34.28
C SER A 218 -10.94 1.79 32.77
N THR A 219 -10.56 0.70 32.11
N THR A 219 -10.56 0.72 32.09
CA THR A 219 -10.62 0.58 30.66
CA THR A 219 -10.75 0.65 30.65
C THR A 219 -11.42 -0.68 30.33
C THR A 219 -11.31 -0.71 30.24
N VAL A 220 -12.14 -0.66 29.22
CA VAL A 220 -12.74 -1.86 28.66
C VAL A 220 -12.20 -2.00 27.24
N THR A 221 -11.91 -3.23 26.88
CA THR A 221 -11.41 -3.56 25.57
C THR A 221 -12.43 -4.47 24.92
N LEU A 222 -12.94 -3.97 23.80
CA LEU A 222 -14.04 -4.59 23.06
C LEU A 222 -13.52 -4.88 21.65
N GLY A 223 -14.24 -5.72 20.91
CA GLY A 223 -13.84 -5.96 19.55
C GLY A 223 -14.94 -6.62 18.71
N CYS A 224 -14.60 -6.84 17.47
CA CYS A 224 -15.47 -7.61 16.57
CA CYS A 224 -15.46 -7.70 16.66
C CYS A 224 -14.62 -8.57 15.76
N LEU A 225 -15.08 -9.81 15.69
CA LEU A 225 -14.51 -10.83 14.85
C LEU A 225 -15.32 -10.88 13.55
N VAL A 226 -14.62 -10.61 12.46
CA VAL A 226 -15.17 -10.59 11.12
C VAL A 226 -14.73 -11.90 10.48
N SER A 227 -15.65 -12.87 10.59
CA SER A 227 -15.34 -14.28 10.37
C SER A 227 -15.71 -14.77 8.97
N SER A 228 -14.76 -15.44 8.32
CA SER A 228 -15.05 -16.39 7.26
C SER A 228 -15.63 -15.74 6.00
N TYR A 229 -14.90 -14.80 5.38
CA TYR A 229 -15.42 -14.06 4.23
C TYR A 229 -14.53 -14.15 3.01
N MET A 230 -15.09 -13.76 1.85
CA MET A 230 -14.43 -13.83 0.56
C MET A 230 -15.06 -12.84 -0.42
N PRO A 231 -14.34 -11.94 -1.11
CA PRO A 231 -12.90 -11.66 -0.92
C PRO A 231 -12.57 -10.55 0.07
N GLU A 232 -11.28 -10.21 0.15
CA GLU A 232 -10.89 -8.95 0.75
CA GLU A 232 -10.88 -8.94 0.74
C GLU A 232 -11.35 -7.83 -0.19
N PRO A 233 -11.60 -6.60 0.31
CA PRO A 233 -11.51 -6.23 1.72
C PRO A 233 -12.86 -6.14 2.41
N VAL A 234 -12.80 -5.97 3.74
CA VAL A 234 -13.87 -5.42 4.53
C VAL A 234 -13.42 -4.06 5.05
N THR A 235 -14.40 -3.21 5.37
CA THR A 235 -14.08 -1.99 6.11
C THR A 235 -14.73 -2.11 7.48
N VAL A 236 -14.05 -1.65 8.53
CA VAL A 236 -14.61 -1.63 9.87
C VAL A 236 -14.49 -0.22 10.41
N THR A 237 -15.59 0.27 10.95
CA THR A 237 -15.62 1.48 11.77
C THR A 237 -16.31 1.13 13.09
N TRP A 238 -16.21 2.09 14.04
CA TRP A 238 -16.86 1.99 15.33
C TRP A 238 -17.74 3.20 15.55
N ASN A 239 -18.98 2.93 16.01
CA ASN A 239 -19.93 4.00 16.27
C ASN A 239 -20.01 4.97 15.08
N SER A 240 -20.09 4.37 13.89
CA SER A 240 -20.27 5.07 12.62
C SER A 240 -19.23 6.17 12.40
N GLY A 241 -18.02 5.95 12.94
CA GLY A 241 -16.93 6.91 12.78
C GLY A 241 -16.77 7.85 13.97
N ALA A 242 -17.67 7.76 14.97
CA ALA A 242 -17.59 8.58 16.17
C ALA A 242 -16.46 8.10 17.06
N LEU A 243 -16.08 6.82 16.91
CA LEU A 243 -15.03 6.25 17.72
C LEU A 243 -13.89 5.84 16.79
N LYS A 244 -12.79 6.62 16.82
CA LYS A 244 -11.65 6.42 15.92
C LYS A 244 -10.34 6.18 16.68
N SER A 245 -10.11 6.99 17.72
CA SER A 245 -8.93 6.83 18.55
CA SER A 245 -8.90 6.82 18.52
C SER A 245 -9.03 5.53 19.34
N GLY A 246 -7.95 4.80 19.41
CA GLY A 246 -7.95 3.57 20.16
C GLY A 246 -8.56 2.39 19.38
N VAL A 247 -9.00 2.61 18.12
CA VAL A 247 -9.32 1.50 17.23
C VAL A 247 -8.08 0.91 16.56
N HIS A 248 -8.04 -0.40 16.55
CA HIS A 248 -6.99 -1.14 15.83
C HIS A 248 -7.66 -2.29 15.09
N THR A 249 -7.70 -2.18 13.74
CA THR A 249 -8.19 -3.24 12.90
C THR A 249 -6.99 -4.00 12.37
N PHE A 250 -6.97 -5.32 12.58
CA PHE A 250 -5.81 -6.13 12.24
C PHE A 250 -5.92 -6.71 10.82
N PRO A 251 -4.78 -6.94 10.16
CA PRO A 251 -4.76 -7.71 8.91
C PRO A 251 -5.40 -9.08 9.07
N ALA A 252 -6.10 -9.48 8.02
CA ALA A 252 -6.76 -10.77 7.99
C ALA A 252 -5.73 -11.90 7.97
N VAL A 253 -6.17 -13.01 8.56
CA VAL A 253 -5.64 -14.32 8.29
C VAL A 253 -6.43 -15.01 7.19
N LEU A 254 -5.70 -15.73 6.36
CA LEU A 254 -6.30 -16.61 5.37
C LEU A 254 -6.09 -18.08 5.78
N GLN A 255 -7.17 -18.83 5.97
CA GLN A 255 -7.01 -20.27 6.17
C GLN A 255 -6.76 -21.02 4.86
N SER A 256 -6.33 -22.29 5.01
CA SER A 256 -6.10 -23.15 3.85
C SER A 256 -7.41 -23.36 3.09
N SER A 257 -8.54 -23.22 3.79
CA SER A 257 -9.86 -23.29 3.18
C SER A 257 -10.06 -22.16 2.14
N GLY A 258 -9.31 -21.08 2.30
CA GLY A 258 -9.45 -19.98 1.38
C GLY A 258 -10.39 -18.88 1.89
N LEU A 259 -10.96 -18.99 3.12
CA LEU A 259 -11.76 -17.90 3.67
C LEU A 259 -10.90 -17.08 4.63
N TYR A 260 -11.18 -15.77 4.61
CA TYR A 260 -10.51 -14.79 5.45
C TYR A 260 -11.26 -14.54 6.76
N SER A 261 -10.51 -14.23 7.84
CA SER A 261 -11.07 -13.68 9.08
C SER A 261 -10.16 -12.55 9.53
N LEU A 262 -10.73 -11.49 10.11
CA LEU A 262 -9.92 -10.50 10.78
C LEU A 262 -10.68 -10.04 12.02
N SER A 263 -9.99 -9.26 12.87
CA SER A 263 -10.62 -8.68 14.04
C SER A 263 -10.29 -7.21 14.15
N SER A 264 -11.20 -6.48 14.76
CA SER A 264 -10.99 -5.07 15.11
C SER A 264 -11.25 -4.90 16.61
N MET A 265 -10.37 -4.13 17.27
CA MET A 265 -10.56 -3.88 18.70
C MET A 265 -10.53 -2.38 18.95
N VAL A 266 -11.15 -2.03 20.07
CA VAL A 266 -11.17 -0.65 20.54
C VAL A 266 -11.04 -0.71 22.07
N THR A 267 -10.28 0.21 22.65
CA THR A 267 -10.15 0.31 24.10
C THR A 267 -10.87 1.57 24.59
N VAL A 268 -11.81 1.40 25.55
CA VAL A 268 -12.71 2.46 26.01
C VAL A 268 -12.42 2.71 27.49
N GLN A 276 -23.11 4.48 27.51
CA GLN A 276 -22.24 4.25 26.32
C GLN A 276 -22.59 2.90 25.68
N THR A 277 -22.92 2.96 24.38
CA THR A 277 -22.95 1.78 23.54
C THR A 277 -21.75 1.80 22.58
N PHE A 278 -21.42 0.60 22.11
CA PHE A 278 -20.34 0.39 21.17
C PHE A 278 -20.82 -0.58 20.10
N THR A 279 -20.66 -0.17 18.85
CA THR A 279 -21.19 -0.89 17.70
C THR A 279 -20.12 -0.87 16.62
N CYS A 280 -19.75 -2.05 16.12
CA CYS A 280 -18.83 -2.09 15.00
C CYS A 280 -19.61 -2.14 13.69
N ASN A 281 -19.15 -1.35 12.74
CA ASN A 281 -19.78 -1.22 11.43
C ASN A 281 -18.92 -1.93 10.39
N VAL A 282 -19.39 -3.09 9.93
CA VAL A 282 -18.64 -3.96 9.03
C VAL A 282 -19.27 -3.93 7.65
N ALA A 283 -18.55 -3.39 6.68
CA ALA A 283 -19.02 -3.38 5.30
C ALA A 283 -18.19 -4.33 4.46
N HIS A 284 -18.91 -5.14 3.64
CA HIS A 284 -18.30 -6.05 2.67
C HIS A 284 -18.89 -5.72 1.30
N PRO A 285 -18.27 -4.80 0.56
CA PRO A 285 -18.80 -4.32 -0.71
C PRO A 285 -19.13 -5.48 -1.67
N ALA A 286 -18.30 -6.52 -1.64
CA ALA A 286 -18.47 -7.59 -2.59
C ALA A 286 -19.81 -8.30 -2.44
N SER A 287 -20.42 -8.26 -1.22
CA SER A 287 -21.68 -8.95 -0.96
CA SER A 287 -21.69 -8.95 -1.00
CA SER A 287 -21.68 -8.96 -0.97
C SER A 287 -22.81 -7.98 -0.71
N SER A 288 -22.59 -6.69 -0.93
CA SER A 288 -23.68 -5.74 -0.73
C SER A 288 -24.26 -5.86 0.69
N THR A 289 -23.38 -6.10 1.65
CA THR A 289 -23.80 -6.32 3.01
C THR A 289 -23.00 -5.48 3.99
N LYS A 290 -23.76 -4.96 4.94
CA LYS A 290 -23.30 -4.15 6.01
C LYS A 290 -23.97 -4.69 7.24
N VAL A 291 -23.14 -4.93 8.27
CA VAL A 291 -23.59 -5.33 9.59
C VAL A 291 -23.08 -4.29 10.58
N ASP A 292 -24.01 -3.82 11.41
CA ASP A 292 -23.70 -2.99 12.56
C ASP A 292 -23.95 -3.84 13.78
N LYS A 293 -22.85 -4.31 14.42
CA LYS A 293 -22.98 -5.30 15.49
C LYS A 293 -22.80 -4.61 16.84
N ALA A 294 -23.83 -4.68 17.67
CA ALA A 294 -23.77 -4.19 19.03
C ALA A 294 -22.76 -5.03 19.80
N VAL A 295 -21.87 -4.34 20.53
CA VAL A 295 -20.88 -5.05 21.29
C VAL A 295 -21.09 -4.63 22.73
N ASP A 296 -21.74 -5.51 23.51
CA ASP A 296 -21.91 -5.29 24.92
C ASP A 296 -20.68 -5.82 25.64
N PRO A 297 -20.25 -5.16 26.72
CA PRO A 297 -19.16 -5.68 27.55
C PRO A 297 -19.32 -7.12 28.02
N ARG A 298 -20.55 -7.53 28.41
CA ARG A 298 -20.79 -8.92 28.80
C ARG A 298 -19.69 -9.43 29.74
N CYS A 299 -19.51 -8.69 30.84
CA CYS A 299 -18.44 -9.00 31.76
C CYS A 299 -18.73 -10.21 32.65
N GLY A 300 -20.01 -10.58 32.70
CA GLY A 300 -20.51 -11.65 33.54
C GLY A 300 -20.45 -13.02 32.87
N LYS A 301 -20.80 -14.03 33.66
CA LYS A 301 -20.90 -15.40 33.20
C LYS A 301 -22.33 -15.89 33.46
N HIS A 302 -23.05 -16.40 32.43
CA HIS A 302 -24.30 -17.14 32.65
C HIS A 302 -24.00 -18.64 32.66
N HIS A 303 -24.31 -19.32 33.78
CA HIS A 303 -24.04 -20.75 33.91
C HIS A 303 -25.24 -21.56 33.41
N MET B 24 5.88 -6.37 -13.32
CA MET B 24 7.03 -6.94 -12.58
C MET B 24 8.34 -6.26 -12.97
N GLY B 25 9.31 -6.52 -12.12
CA GLY B 25 10.48 -5.68 -11.97
C GLY B 25 11.33 -5.73 -13.23
N CYS B 26 11.88 -4.59 -13.60
CA CYS B 26 12.78 -4.43 -14.69
CA CYS B 26 12.79 -4.45 -14.70
C CYS B 26 14.08 -3.81 -14.18
N VAL B 27 13.99 -2.67 -13.46
CA VAL B 27 15.22 -1.98 -13.01
C VAL B 27 15.75 -2.71 -11.77
N ALA B 28 17.08 -2.85 -11.61
CA ALA B 28 17.64 -3.67 -10.55
C ALA B 28 17.96 -2.80 -9.33
N GLN B 29 17.37 -3.15 -8.17
CA GLN B 29 17.61 -2.43 -6.93
C GLN B 29 18.02 -3.47 -5.89
N PRO B 30 18.76 -3.07 -4.83
CA PRO B 30 18.99 -3.96 -3.71
C PRO B 30 17.67 -4.31 -3.04
N SER B 31 17.49 -5.59 -2.68
CA SER B 31 16.24 -5.96 -2.04
C SER B 31 16.08 -5.28 -0.67
N SER B 32 17.19 -5.04 0.06
CA SER B 32 17.12 -4.40 1.35
C SER B 32 18.33 -3.51 1.56
N VAL B 33 18.09 -2.40 2.28
CA VAL B 33 19.15 -1.57 2.80
C VAL B 33 18.78 -1.19 4.23
N SER B 34 19.82 -0.86 5.03
CA SER B 34 19.62 -0.37 6.37
C SER B 34 20.57 0.79 6.64
N GLY B 35 20.11 1.64 7.57
CA GLY B 35 20.97 2.66 8.14
C GLY B 35 20.46 2.98 9.55
N SER B 36 21.30 3.58 10.39
CA SER B 36 20.87 3.93 11.73
C SER B 36 20.12 5.28 11.76
N LEU B 37 19.34 5.52 12.82
CA LEU B 37 18.72 6.81 13.06
C LEU B 37 19.72 7.96 12.91
N GLY B 38 19.31 9.01 12.22
CA GLY B 38 20.13 10.22 12.00
C GLY B 38 21.20 10.04 10.90
N GLN B 39 21.37 8.82 10.39
CA GLN B 39 22.40 8.59 9.39
C GLN B 39 21.77 8.56 8.00
N ARG B 40 22.57 8.14 7.03
CA ARG B 40 22.23 8.22 5.61
C ARG B 40 22.23 6.80 5.02
N VAL B 41 21.49 6.61 3.94
CA VAL B 41 21.57 5.38 3.15
C VAL B 41 21.37 5.75 1.68
N SER B 42 21.95 4.95 0.78
CA SER B 42 21.79 5.13 -0.67
C SER B 42 21.18 3.86 -1.25
N ILE B 43 20.25 4.06 -2.21
CA ILE B 43 19.62 2.97 -2.94
C ILE B 43 19.93 3.10 -4.42
N THR B 44 20.55 2.09 -5.02
CA THR B 44 20.85 2.20 -6.44
C THR B 44 19.74 1.55 -7.27
N CYS B 45 19.72 1.98 -8.52
CA CYS B 45 18.71 1.60 -9.50
C CYS B 45 19.43 1.45 -10.84
N SER B 46 19.70 0.22 -11.23
CA SER B 46 20.51 -0.13 -12.38
C SER B 46 19.62 -0.54 -13.54
N GLY B 47 19.74 0.22 -14.64
CA GLY B 47 19.01 -0.06 -15.86
C GLY B 47 19.92 -0.25 -17.06
N SER B 48 19.37 0.16 -18.21
CA SER B 48 20.05 0.12 -19.47
C SER B 48 19.86 1.42 -20.23
N SER B 49 20.47 1.48 -21.42
CA SER B 49 20.41 2.68 -22.23
C SER B 49 18.98 3.03 -22.62
N SER B 50 18.09 2.03 -22.57
CA SER B 50 16.72 2.16 -23.01
C SER B 50 15.80 2.77 -21.94
N ASN B 51 16.26 2.87 -20.69
CA ASN B 51 15.40 3.33 -19.62
C ASN B 51 16.14 4.39 -18.81
N VAL B 52 16.91 3.92 -17.82
CA VAL B 52 17.67 4.85 -16.97
C VAL B 52 18.62 5.73 -17.76
N GLY B 53 19.29 5.17 -18.78
CA GLY B 53 20.22 5.91 -19.60
C GLY B 53 19.57 7.05 -20.36
N ASN B 54 18.24 7.04 -20.47
CA ASN B 54 17.58 8.12 -21.17
C ASN B 54 17.14 9.21 -20.21
N GLY B 55 17.37 8.99 -18.92
CA GLY B 55 17.16 10.03 -17.94
C GLY B 55 15.73 10.10 -17.44
N TYR B 56 15.46 11.22 -16.77
CA TYR B 56 14.16 11.47 -16.13
C TYR B 56 13.69 10.32 -15.23
N VAL B 57 14.62 9.85 -14.37
CA VAL B 57 14.31 8.78 -13.41
C VAL B 57 13.47 9.38 -12.30
N SER B 58 12.46 8.61 -11.86
CA SER B 58 11.67 8.94 -10.72
C SER B 58 11.79 7.90 -9.61
N TRP B 59 11.37 8.30 -8.42
CA TRP B 59 11.40 7.47 -7.24
C TRP B 59 10.13 7.63 -6.44
N TYR B 60 9.70 6.52 -5.80
CA TYR B 60 8.44 6.40 -5.10
C TYR B 60 8.66 5.70 -3.76
N GLN B 61 7.92 6.19 -2.76
CA GLN B 61 7.89 5.62 -1.43
C GLN B 61 6.54 4.99 -1.10
N LEU B 62 6.52 3.71 -0.70
CA LEU B 62 5.29 3.04 -0.35
C LEU B 62 5.36 2.59 1.11
N ILE B 63 4.49 3.16 1.93
CA ILE B 63 4.35 2.92 3.36
C ILE B 63 2.95 2.36 3.58
N PRO B 64 2.81 1.30 4.42
CA PRO B 64 1.55 0.55 4.59
C PRO B 64 0.22 1.27 4.62
N GLY B 65 0.11 2.35 5.40
CA GLY B 65 -1.17 3.03 5.55
C GLY B 65 -1.59 3.91 4.35
N SER B 66 -0.63 4.25 3.47
CA SER B 66 -0.71 5.41 2.58
C SER B 66 -0.73 4.98 1.12
N ALA B 67 -1.29 5.84 0.24
CA ALA B 67 -1.06 5.70 -1.19
C ALA B 67 0.44 5.79 -1.47
N PRO B 68 0.95 5.27 -2.61
CA PRO B 68 2.34 5.55 -3.02
C PRO B 68 2.52 7.05 -3.15
N ARG B 69 3.73 7.50 -2.82
CA ARG B 69 4.09 8.91 -2.80
C ARG B 69 5.30 9.12 -3.72
N THR B 70 5.17 10.02 -4.68
CA THR B 70 6.28 10.41 -5.53
C THR B 70 7.28 11.25 -4.73
N LEU B 71 8.55 10.86 -4.78
CA LEU B 71 9.61 11.56 -4.06
C LEU B 71 10.46 12.44 -4.96
N ILE B 72 10.93 11.87 -6.08
CA ILE B 72 11.86 12.49 -7.00
C ILE B 72 11.34 12.26 -8.42
N TYR B 73 11.58 13.23 -9.30
CA TYR B 73 11.39 13.08 -10.74
C TYR B 73 12.52 13.86 -11.41
N GLY B 74 12.70 13.62 -12.71
CA GLY B 74 13.75 14.29 -13.46
C GLY B 74 15.14 14.00 -12.89
N ASP B 75 15.34 12.77 -12.38
CA ASP B 75 16.58 12.34 -11.69
C ASP B 75 16.84 13.01 -10.34
N THR B 76 16.64 14.35 -10.24
CA THR B 76 17.14 15.15 -9.10
C THR B 76 16.09 16.05 -8.46
N SER B 77 14.91 16.21 -9.08
CA SER B 77 13.96 17.22 -8.59
C SER B 77 13.09 16.60 -7.52
N ARG B 78 12.87 17.29 -6.39
CA ARG B 78 12.01 16.81 -5.33
C ARG B 78 10.57 17.20 -5.64
N ALA B 79 9.70 16.23 -5.45
CA ALA B 79 8.26 16.44 -5.58
C ALA B 79 7.74 17.31 -4.44
N SER B 80 6.52 17.83 -4.65
CA SER B 80 5.85 18.63 -3.66
C SER B 80 5.90 17.94 -2.30
N GLY B 81 6.30 18.69 -1.26
CA GLY B 81 6.26 18.24 0.12
C GLY B 81 7.39 17.29 0.54
N VAL B 82 8.37 17.12 -0.33
CA VAL B 82 9.47 16.19 -0.10
C VAL B 82 10.64 17.02 0.39
N PRO B 83 11.18 16.72 1.59
CA PRO B 83 12.29 17.51 2.13
C PRO B 83 13.65 17.23 1.50
N ASP B 84 14.59 18.14 1.75
CA ASP B 84 15.88 18.13 1.05
C ASP B 84 16.77 16.97 1.50
N ARG B 85 16.41 16.29 2.58
CA ARG B 85 17.18 15.10 2.91
C ARG B 85 16.92 13.91 1.96
N PHE B 86 15.95 14.00 1.05
CA PHE B 86 15.83 13.04 -0.07
C PHE B 86 16.52 13.65 -1.27
N SER B 87 17.51 12.96 -1.83
CA SER B 87 18.23 13.46 -3.00
C SER B 87 18.43 12.33 -4.00
N GLY B 88 18.34 12.71 -5.26
CA GLY B 88 18.53 11.80 -6.39
C GLY B 88 19.71 12.24 -7.24
N SER B 89 20.33 11.24 -7.87
CA SER B 89 21.36 11.48 -8.85
C SER B 89 21.31 10.37 -9.90
N ARG B 90 22.04 10.60 -10.97
CA ARG B 90 22.18 9.58 -12.01
C ARG B 90 23.53 9.77 -12.69
N SER B 91 24.17 8.62 -12.93
CA SER B 91 25.29 8.48 -13.84
C SER B 91 25.05 7.37 -14.87
N GLY B 92 24.84 7.76 -16.12
CA GLY B 92 24.52 6.82 -17.20
C GLY B 92 23.31 5.96 -16.88
N ASN B 93 23.55 4.65 -16.79
CA ASN B 93 22.48 3.67 -16.64
C ASN B 93 22.17 3.37 -15.17
N THR B 94 22.79 4.12 -14.23
CA THR B 94 22.51 3.90 -12.82
C THR B 94 22.03 5.18 -12.16
N ALA B 95 20.90 5.08 -11.45
CA ALA B 95 20.40 6.19 -10.63
C ALA B 95 20.51 5.80 -9.16
N THR B 96 20.58 6.82 -8.28
CA THR B 96 20.73 6.63 -6.85
C THR B 96 19.80 7.58 -6.10
N LEU B 97 19.07 7.01 -5.13
CA LEU B 97 18.37 7.80 -4.12
C LEU B 97 19.13 7.74 -2.81
N THR B 98 19.38 8.93 -2.26
CA THR B 98 20.03 9.02 -0.96
C THR B 98 19.06 9.64 0.03
N ILE B 99 18.95 9.02 1.20
CA ILE B 99 18.11 9.52 2.27
C ILE B 99 19.02 9.82 3.44
N SER B 100 19.01 11.09 3.88
CA SER B 100 19.81 11.51 5.00
CA SER B 100 19.82 11.49 5.01
C SER B 100 18.95 11.76 6.22
N SER B 101 19.59 11.86 7.40
CA SER B 101 18.91 12.12 8.65
C SER B 101 17.76 11.14 8.85
N LEU B 102 18.08 9.85 8.76
CA LEU B 102 17.07 8.83 8.75
C LEU B 102 16.20 8.90 10.01
N GLN B 103 14.91 8.70 9.78
CA GLN B 103 13.91 8.65 10.82
C GLN B 103 13.18 7.32 10.70
N ALA B 104 12.56 6.84 11.80
CA ALA B 104 11.70 5.66 11.75
C ALA B 104 10.62 5.77 10.65
N GLU B 105 10.08 6.98 10.42
CA GLU B 105 8.99 7.18 9.44
C GLU B 105 9.45 6.96 8.00
N ASP B 106 10.77 6.93 7.75
CA ASP B 106 11.30 6.63 6.43
C ASP B 106 11.27 5.13 6.10
N GLU B 107 11.04 4.24 7.07
CA GLU B 107 10.92 2.83 6.72
C GLU B 107 9.76 2.63 5.75
N ALA B 108 10.02 1.92 4.64
CA ALA B 108 9.13 1.87 3.50
C ALA B 108 9.81 1.03 2.43
N ASP B 109 9.03 0.72 1.36
CA ASP B 109 9.56 0.18 0.13
C ASP B 109 9.74 1.35 -0.85
N TYR B 110 10.94 1.43 -1.45
CA TYR B 110 11.31 2.47 -2.39
C TYR B 110 11.43 1.84 -3.75
N PHE B 111 10.88 2.52 -4.77
CA PHE B 111 10.94 2.04 -6.12
C PHE B 111 11.43 3.14 -7.04
N CYS B 112 12.39 2.83 -7.89
CA CYS B 112 12.70 3.72 -8.98
C CYS B 112 11.88 3.36 -10.21
N ALA B 113 11.89 4.24 -11.20
CA ALA B 113 11.16 4.01 -12.46
C ALA B 113 11.69 4.94 -13.51
N SER B 114 11.38 4.60 -14.78
CA SER B 114 11.60 5.49 -15.89
C SER B 114 10.78 5.06 -17.09
N ALA B 115 10.68 5.96 -18.05
CA ALA B 115 10.21 5.62 -19.40
C ALA B 115 11.12 4.55 -19.98
N GLU B 116 10.54 3.63 -20.75
CA GLU B 116 11.25 2.61 -21.48
C GLU B 116 10.94 2.83 -22.96
N ASP B 117 12.02 3.05 -23.74
CA ASP B 117 11.87 3.35 -25.17
C ASP B 117 10.88 4.52 -25.31
N SER B 118 11.16 5.56 -24.53
CA SER B 118 10.37 6.79 -24.54
C SER B 118 8.88 6.52 -24.28
N SER B 119 8.00 6.85 -25.23
CA SER B 119 6.59 6.84 -24.91
C SER B 119 6.03 5.42 -25.04
N SER B 120 6.85 4.46 -25.43
CA SER B 120 6.37 3.08 -25.54
C SER B 120 5.85 2.53 -24.19
N ASN B 121 6.64 2.68 -23.12
CA ASN B 121 6.44 1.91 -21.91
C ASN B 121 7.02 2.66 -20.71
N ALA B 122 6.62 2.24 -19.52
CA ALA B 122 7.32 2.61 -18.32
C ALA B 122 7.67 1.36 -17.52
N VAL B 123 8.81 1.43 -16.82
CA VAL B 123 9.31 0.29 -16.06
C VAL B 123 9.68 0.75 -14.65
N PHE B 124 9.39 -0.13 -13.70
CA PHE B 124 9.73 0.07 -12.30
C PHE B 124 10.90 -0.81 -11.91
N GLY B 125 11.52 -0.39 -10.82
CA GLY B 125 12.52 -1.25 -10.22
C GLY B 125 11.91 -2.33 -9.36
N SER B 126 12.82 -3.19 -8.93
CA SER B 126 12.48 -4.35 -8.17
C SER B 126 12.12 -4.06 -6.72
N GLY B 127 12.41 -2.83 -6.26
CA GLY B 127 12.01 -2.38 -4.94
C GLY B 127 13.06 -2.71 -3.89
N THR B 128 13.18 -1.75 -2.94
CA THR B 128 14.08 -1.86 -1.83
C THR B 128 13.33 -1.58 -0.53
N THR B 129 13.41 -2.53 0.43
CA THR B 129 12.90 -2.29 1.77
C THR B 129 13.97 -1.66 2.65
N LEU B 130 13.67 -0.48 3.17
CA LEU B 130 14.56 0.21 4.08
C LEU B 130 14.22 -0.11 5.53
N THR B 131 15.23 -0.57 6.30
CA THR B 131 15.16 -0.70 7.74
C THR B 131 15.98 0.42 8.38
N VAL B 132 15.40 1.09 9.37
CA VAL B 132 16.07 2.10 10.17
C VAL B 132 16.43 1.49 11.52
N LEU B 133 17.78 1.33 11.71
CA LEU B 133 18.38 0.71 12.91
C LEU B 133 18.41 1.69 14.07
N GLY B 134 18.43 1.13 15.29
CA GLY B 134 18.62 1.91 16.51
C GLY B 134 17.31 2.42 17.12
N GLN B 135 16.17 1.90 16.68
CA GLN B 135 14.87 2.29 17.22
C GLN B 135 14.65 1.63 18.57
N PRO B 136 13.86 2.24 19.46
CA PRO B 136 13.55 1.64 20.75
C PRO B 136 12.83 0.32 20.59
N LYS B 137 13.31 -0.68 21.35
CA LYS B 137 12.55 -1.91 21.55
C LYS B 137 11.21 -1.58 22.21
N SER B 138 10.15 -2.22 21.74
CA SER B 138 8.82 -2.00 22.27
C SER B 138 8.16 -3.36 22.49
N PRO B 139 7.82 -3.79 23.72
CA PRO B 139 7.20 -5.09 23.92
C PRO B 139 5.75 -5.08 23.41
N PRO B 140 5.18 -6.26 23.10
CA PRO B 140 3.81 -6.34 22.65
C PRO B 140 2.77 -6.12 23.74
N SER B 141 1.70 -5.44 23.35
CA SER B 141 0.44 -5.46 24.06
CA SER B 141 0.45 -5.47 24.08
C SER B 141 -0.37 -6.65 23.56
N VAL B 142 -0.92 -7.42 24.49
CA VAL B 142 -1.70 -8.61 24.19
C VAL B 142 -3.10 -8.51 24.75
N THR B 143 -4.09 -8.79 23.88
CA THR B 143 -5.48 -8.89 24.29
C THR B 143 -5.97 -10.27 23.84
N LEU B 144 -6.56 -10.99 24.78
CA LEU B 144 -7.18 -12.27 24.50
C LEU B 144 -8.69 -12.16 24.69
N PHE B 145 -9.43 -12.51 23.61
CA PHE B 145 -10.90 -12.53 23.66
C PHE B 145 -11.38 -13.97 23.62
N PRO B 146 -12.34 -14.31 24.50
CA PRO B 146 -12.98 -15.60 24.49
C PRO B 146 -13.99 -15.69 23.33
N PRO B 147 -14.55 -16.88 23.04
CA PRO B 147 -15.62 -16.97 22.05
C PRO B 147 -16.83 -16.18 22.49
N SER B 148 -17.55 -15.63 21.51
CA SER B 148 -18.83 -15.00 21.78
C SER B 148 -19.91 -16.04 22.02
N THR B 149 -20.93 -15.64 22.74
CA THR B 149 -22.14 -16.42 22.92
C THR B 149 -22.76 -16.76 21.55
N GLU B 150 -22.75 -15.80 20.64
CA GLU B 150 -23.36 -15.98 19.33
C GLU B 150 -22.64 -17.09 18.56
N GLU B 151 -21.30 -17.07 18.53
CA GLU B 151 -20.59 -18.15 17.84
C GLU B 151 -20.83 -19.49 18.52
N LEU B 152 -20.84 -19.50 19.88
CA LEU B 152 -21.01 -20.74 20.65
C LEU B 152 -22.36 -21.39 20.34
N ASN B 153 -23.34 -20.56 19.96
CA ASN B 153 -24.67 -21.07 19.62
C ASN B 153 -24.64 -21.87 18.32
N GLY B 154 -23.61 -21.64 17.50
CA GLY B 154 -23.38 -22.49 16.33
C GLY B 154 -22.41 -23.64 16.60
N ASN B 155 -22.13 -23.95 17.87
CA ASN B 155 -21.29 -25.06 18.35
C ASN B 155 -19.82 -24.89 17.96
N LYS B 156 -19.40 -23.64 17.73
CA LYS B 156 -18.03 -23.27 17.37
C LYS B 156 -17.52 -22.31 18.44
N ALA B 157 -16.20 -22.26 18.60
CA ALA B 157 -15.58 -21.31 19.51
C ALA B 157 -14.23 -20.89 18.93
N THR B 158 -14.08 -19.60 18.70
CA THR B 158 -12.82 -19.03 18.26
C THR B 158 -12.26 -18.15 19.37
N LEU B 159 -11.03 -18.46 19.80
CA LEU B 159 -10.29 -17.58 20.70
C LEU B 159 -9.38 -16.69 19.87
N VAL B 160 -9.39 -15.38 20.16
CA VAL B 160 -8.66 -14.39 19.37
C VAL B 160 -7.60 -13.74 20.24
N CYS B 161 -6.34 -13.82 19.80
CA CYS B 161 -5.25 -13.16 20.50
C CYS B 161 -4.67 -12.08 19.60
N LEU B 162 -4.84 -10.81 20.04
CA LEU B 162 -4.44 -9.64 19.28
C LEU B 162 -3.19 -9.02 19.95
N ILE B 163 -2.18 -8.77 19.12
CA ILE B 163 -0.83 -8.45 19.55
C ILE B 163 -0.39 -7.20 18.82
N SER B 164 -0.09 -6.12 19.58
CA SER B 164 0.11 -4.82 18.98
C SER B 164 1.30 -4.07 19.55
N ASP B 165 1.78 -3.10 18.79
CA ASP B 165 2.75 -2.11 19.27
C ASP B 165 4.12 -2.71 19.62
N PHE B 166 4.52 -3.75 18.89
CA PHE B 166 5.82 -4.36 19.17
C PHE B 166 6.85 -3.98 18.12
N TYR B 167 8.12 -3.92 18.61
CA TYR B 167 9.26 -3.60 17.78
C TYR B 167 10.48 -4.22 18.45
N PRO B 168 11.34 -4.99 17.76
CA PRO B 168 11.24 -5.30 16.33
C PRO B 168 10.08 -6.23 16.01
N GLY B 169 9.89 -6.49 14.73
CA GLY B 169 8.69 -7.13 14.21
C GLY B 169 8.80 -8.65 14.10
N SER B 170 9.04 -9.29 15.25
CA SER B 170 9.14 -10.73 15.38
C SER B 170 8.56 -11.16 16.74
N VAL B 171 7.50 -11.97 16.70
CA VAL B 171 6.94 -12.63 17.88
C VAL B 171 6.77 -14.11 17.59
N THR B 172 6.66 -14.83 18.70
CA THR B 172 6.20 -16.21 18.65
CA THR B 172 6.28 -16.24 18.73
C THR B 172 5.05 -16.39 19.61
N VAL B 173 4.04 -17.15 19.16
CA VAL B 173 2.79 -17.29 19.88
C VAL B 173 2.59 -18.76 20.21
N VAL B 174 2.33 -19.01 21.49
CA VAL B 174 2.03 -20.35 21.98
C VAL B 174 0.66 -20.31 22.62
N TRP B 175 -0.16 -21.35 22.35
CA TRP B 175 -1.45 -21.50 23.00
C TRP B 175 -1.40 -22.64 24.03
N LYS B 176 -2.05 -22.43 25.17
CA LYS B 176 -2.12 -23.40 26.23
C LYS B 176 -3.59 -23.64 26.59
N ALA B 177 -3.85 -24.90 27.01
CA ALA B 177 -5.09 -25.29 27.66
C ALA B 177 -4.74 -26.18 28.85
N ASP B 178 -5.10 -25.74 30.05
CA ASP B 178 -4.86 -26.48 31.29
C ASP B 178 -3.43 -27.00 31.30
N GLY B 179 -2.49 -26.13 30.96
CA GLY B 179 -1.06 -26.45 30.98
C GLY B 179 -0.48 -27.24 29.80
N SER B 180 -1.30 -27.64 28.81
CA SER B 180 -0.81 -28.35 27.64
C SER B 180 -0.64 -27.38 26.49
N THR B 181 0.49 -27.44 25.81
CA THR B 181 0.68 -26.67 24.59
C THR B 181 -0.23 -27.27 23.52
N ILE B 182 -0.95 -26.38 22.85
CA ILE B 182 -1.88 -26.69 21.76
C ILE B 182 -1.28 -26.16 20.46
N THR B 183 -1.26 -27.00 19.41
CA THR B 183 -0.97 -26.49 18.09
C THR B 183 -2.07 -26.73 17.05
N ARG B 184 -2.90 -27.75 17.30
CA ARG B 184 -3.97 -28.05 16.37
C ARG B 184 -4.91 -26.85 16.25
N ASN B 185 -5.17 -26.45 14.99
CA ASN B 185 -6.23 -25.47 14.68
C ASN B 185 -5.88 -24.09 15.22
N VAL B 186 -4.58 -23.81 15.24
CA VAL B 186 -4.04 -22.46 15.45
C VAL B 186 -3.63 -21.87 14.10
N GLU B 187 -4.06 -20.63 13.87
CA GLU B 187 -3.64 -19.85 12.71
CA GLU B 187 -3.61 -19.87 12.72
C GLU B 187 -3.06 -18.52 13.20
N THR B 188 -1.81 -18.22 12.82
CA THR B 188 -1.13 -17.01 13.30
C THR B 188 -0.68 -16.20 12.09
N THR B 189 -0.90 -14.88 12.12
CA THR B 189 -0.47 -14.05 11.02
C THR B 189 1.01 -13.72 11.11
N ARG B 190 1.58 -13.35 9.98
CA ARG B 190 2.88 -12.73 9.99
C ARG B 190 2.71 -11.41 10.74
N ALA B 191 3.82 -10.85 11.22
CA ALA B 191 3.84 -9.49 11.74
C ALA B 191 3.72 -8.52 10.56
N SER B 192 2.88 -7.52 10.73
CA SER B 192 2.63 -6.47 9.75
C SER B 192 3.00 -5.11 10.34
N LYS B 193 3.74 -4.34 9.53
CA LYS B 193 4.25 -3.06 9.98
C LYS B 193 3.12 -2.02 10.05
N GLN B 194 2.95 -1.41 11.24
CA GLN B 194 1.84 -0.52 11.56
C GLN B 194 2.12 0.91 11.05
N SER B 195 1.15 1.80 11.33
CA SER B 195 1.34 3.25 11.38
C SER B 195 2.23 3.61 12.56
N ASN B 196 3.57 3.39 12.46
CA ASN B 196 4.54 3.93 13.40
C ASN B 196 5.81 3.07 13.46
N SER B 197 6.02 2.24 12.44
CA SER B 197 7.20 1.39 12.38
C SER B 197 7.07 0.22 13.33
N LYS B 198 6.09 0.26 14.26
CA LYS B 198 5.80 -0.88 15.10
C LYS B 198 4.94 -1.88 14.34
N TYR B 199 4.71 -3.02 14.97
CA TYR B 199 4.12 -4.18 14.31
C TYR B 199 2.91 -4.72 15.06
N ALA B 200 2.06 -5.40 14.29
CA ALA B 200 0.88 -6.08 14.81
C ALA B 200 0.85 -7.48 14.27
N ALA B 201 0.18 -8.36 15.01
CA ALA B 201 -0.08 -9.73 14.58
C ALA B 201 -1.32 -10.21 15.28
N SER B 202 -1.88 -11.32 14.78
CA SER B 202 -3.01 -11.90 15.45
C SER B 202 -2.87 -13.41 15.39
N SER B 203 -3.49 -14.08 16.35
CA SER B 203 -3.51 -15.53 16.33
C SER B 203 -4.91 -16.01 16.77
N TYR B 204 -5.38 -17.06 16.11
CA TYR B 204 -6.72 -17.61 16.27
C TYR B 204 -6.66 -19.08 16.64
N LEU B 205 -7.39 -19.47 17.66
CA LEU B 205 -7.51 -20.86 18.03
C LEU B 205 -8.97 -21.26 17.84
N SER B 206 -9.20 -22.22 16.93
CA SER B 206 -10.55 -22.65 16.53
C SER B 206 -10.86 -23.96 17.24
N LEU B 207 -11.92 -23.93 18.07
CA LEU B 207 -12.34 -25.06 18.86
C LEU B 207 -13.80 -25.38 18.54
N THR B 208 -14.25 -26.57 18.93
CA THR B 208 -15.65 -26.86 19.13
C THR B 208 -16.12 -26.19 20.43
N SER B 209 -17.42 -25.85 20.51
CA SER B 209 -17.95 -25.32 21.76
C SER B 209 -17.70 -26.32 22.89
N SER B 210 -17.79 -27.62 22.57
CA SER B 210 -17.52 -28.68 23.52
C SER B 210 -16.12 -28.54 24.13
N ASP B 211 -15.10 -28.38 23.28
CA ASP B 211 -13.73 -28.28 23.75
C ASP B 211 -13.55 -27.03 24.60
N TRP B 212 -14.19 -25.93 24.22
CA TRP B 212 -14.08 -24.69 24.99
C TRP B 212 -14.53 -24.92 26.44
N LYS B 213 -15.69 -25.55 26.64
CA LYS B 213 -16.31 -25.70 27.94
C LYS B 213 -15.59 -26.74 28.81
N SER B 214 -14.76 -27.61 28.22
CA SER B 214 -14.16 -28.75 28.88
C SER B 214 -12.86 -28.42 29.60
N LYS B 215 -12.32 -27.21 29.43
CA LYS B 215 -11.07 -26.84 30.06
C LYS B 215 -11.30 -25.80 31.15
N GLY B 216 -10.35 -25.78 32.10
CA GLY B 216 -10.30 -24.76 33.13
C GLY B 216 -9.84 -23.41 32.61
N SER B 217 -8.84 -23.39 31.74
CA SER B 217 -8.31 -22.13 31.22
C SER B 217 -7.64 -22.36 29.89
N TYR B 218 -7.57 -21.26 29.15
CA TYR B 218 -6.82 -21.19 27.90
C TYR B 218 -5.93 -19.95 27.97
N SER B 219 -4.74 -20.06 27.42
CA SER B 219 -3.82 -18.90 27.44
C SER B 219 -3.19 -18.71 26.07
N CYS B 220 -2.91 -17.46 25.77
CA CYS B 220 -2.08 -17.02 24.68
C CYS B 220 -0.80 -16.45 25.30
N GLU B 221 0.31 -17.04 24.92
CA GLU B 221 1.65 -16.70 25.43
C GLU B 221 2.44 -16.11 24.26
N VAL B 222 2.80 -14.84 24.34
CA VAL B 222 3.46 -14.16 23.26
C VAL B 222 4.90 -13.84 23.70
N THR B 223 5.88 -14.36 22.97
CA THR B 223 7.28 -14.09 23.24
C THR B 223 7.85 -13.12 22.22
N HIS B 224 8.59 -12.13 22.73
CA HIS B 224 9.17 -11.07 21.95
C HIS B 224 10.50 -10.70 22.61
N GLU B 225 11.59 -10.84 21.86
CA GLU B 225 12.95 -10.57 22.35
C GLU B 225 13.23 -11.21 23.73
N GLY B 226 12.89 -12.47 23.90
CA GLY B 226 13.19 -13.18 25.11
C GLY B 226 12.20 -12.98 26.27
N SER B 227 11.20 -12.08 26.14
CA SER B 227 10.22 -11.78 27.17
C SER B 227 8.86 -12.25 26.75
N THR B 228 8.11 -12.83 27.71
CA THR B 228 6.81 -13.41 27.42
C THR B 228 5.70 -12.66 28.13
N VAL B 229 4.64 -12.34 27.36
CA VAL B 229 3.40 -11.81 27.93
C VAL B 229 2.33 -12.86 27.74
N THR B 230 1.65 -13.22 28.82
CA THR B 230 0.60 -14.26 28.80
C THR B 230 -0.74 -13.67 29.26
N LYS B 231 -1.78 -13.94 28.47
CA LYS B 231 -3.15 -13.63 28.86
C LYS B 231 -3.93 -14.94 28.90
N THR B 232 -4.92 -15.00 29.78
CA THR B 232 -5.66 -16.20 30.11
C THR B 232 -7.12 -15.82 30.17
N VAL B 233 -7.95 -16.75 29.66
CA VAL B 233 -9.40 -16.69 29.84
C VAL B 233 -9.87 -18.06 30.34
N LYS B 234 -10.94 -18.03 31.11
CA LYS B 234 -11.48 -19.21 31.80
C LYS B 234 -12.96 -19.36 31.42
N PRO B 235 -13.35 -20.53 30.87
CA PRO B 235 -14.76 -20.79 30.59
C PRO B 235 -15.66 -20.61 31.81
N SER B 236 -15.15 -20.79 33.03
CA SER B 236 -15.94 -20.53 34.23
C SER B 236 -16.24 -19.05 34.44
N GLU B 237 -15.54 -18.15 33.72
CA GLU B 237 -15.71 -16.71 33.91
C GLU B 237 -16.26 -16.04 32.64
N CYS B 238 -16.18 -16.73 31.47
CA CYS B 238 -16.47 -16.15 30.18
C CYS B 238 -17.46 -17.03 29.37
N SER B 239 -18.43 -16.40 28.70
N SER B 239 -18.47 -16.36 28.78
CA SER B 239 -19.22 -17.05 27.65
CA SER B 239 -19.21 -16.85 27.62
C SER B 239 -19.57 -18.51 27.98
C SER B 239 -20.01 -18.13 27.94
#